data_9H4D
#
_entry.id   9H4D
#
_cell.length_a   64.601
_cell.length_b   85.42
_cell.length_c   120.161
_cell.angle_alpha   90
_cell.angle_beta   90
_cell.angle_gamma   90
#
_symmetry.space_group_name_H-M   'C 2 2 21'
#
loop_
_entity.id
_entity.type
_entity.pdbx_description
1 polymer Interleukin-17A
2 non-polymer (E)-N-[(1S)-1-[4,4-bis(fluoranyl)cyclohexyl]-2-oxidanylidene-2-[[5-[(2-oxidanylidene-3H-benzimidazol-1-yl)methyl]-1,3-thiazol-2-yl]amino]ethyl]-3-cyclopropyl-2-fluoranyl-prop-2-enamide
3 water water
#
_entity_poly.entity_id   1
_entity_poly.type   'polypeptide(L)'
_entity_poly.pdbx_seq_one_letter_code
;MPNSEDKNFPRTVMVNLNIHNRNTNTNPKRSSDYYNRSTSPWNLHRNEDPERYPSVIWEAKCRHLGCINADGNVDYHMNS
VPIQQEILVLRREPPHSPNSFRLEKILVSVGCTCVTPIVHHVA
;
_entity_poly.pdbx_strand_id   A,B
#
# COMPACT_ATOMS: atom_id res chain seq x y z
N PRO A 10 -7.73 -23.39 -14.00
CA PRO A 10 -6.41 -23.44 -13.32
C PRO A 10 -5.28 -22.75 -14.10
N ARG A 11 -4.78 -21.61 -13.58
CA ARG A 11 -3.69 -20.87 -14.22
C ARG A 11 -2.42 -21.05 -13.37
N THR A 12 -1.85 -22.26 -13.41
CA THR A 12 -0.70 -22.62 -12.61
C THR A 12 0.62 -22.19 -13.22
N VAL A 13 1.41 -21.43 -12.45
CA VAL A 13 2.71 -20.94 -12.86
C VAL A 13 3.76 -21.38 -11.81
N MET A 14 5.05 -21.30 -12.17
CA MET A 14 6.12 -21.62 -11.24
C MET A 14 6.71 -20.32 -10.74
N VAL A 15 6.96 -20.23 -9.45
CA VAL A 15 7.54 -19.03 -8.86
C VAL A 15 8.75 -19.41 -8.01
N ASN A 16 9.89 -18.79 -8.28
CA ASN A 16 11.07 -18.96 -7.44
C ASN A 16 10.95 -17.91 -6.30
N LEU A 17 10.70 -18.35 -5.05
CA LEU A 17 10.56 -17.44 -3.91
C LEU A 17 11.88 -16.83 -3.44
N ASN A 18 13.00 -17.13 -4.10
CA ASN A 18 14.30 -16.55 -3.74
C ASN A 18 14.43 -15.17 -4.40
N ILE A 19 14.26 -14.11 -3.60
CA ILE A 19 14.33 -12.74 -4.10
C ILE A 19 15.77 -12.37 -4.41
N HIS A 20 16.04 -11.77 -5.60
CA HIS A 20 17.41 -11.33 -5.91
C HIS A 20 17.58 -9.99 -5.18
N ASN A 21 18.51 -9.93 -4.22
CA ASN A 21 18.66 -8.74 -3.39
C ASN A 21 20.12 -8.51 -2.99
N SER A 32 6.50 4.22 8.92
CA SER A 32 5.76 4.98 9.93
C SER A 32 6.64 6.00 10.68
N ASP A 33 7.97 5.74 10.76
CA ASP A 33 8.97 6.61 11.38
C ASP A 33 9.45 7.69 10.37
N TYR A 34 9.40 7.37 9.06
CA TYR A 34 9.73 8.31 7.98
C TYR A 34 8.63 9.40 7.94
N TYR A 35 7.38 8.98 8.05
CA TYR A 35 6.20 9.83 8.01
C TYR A 35 5.76 10.21 9.43
N ASN A 36 6.73 10.34 10.36
CA ASN A 36 6.47 10.69 11.75
C ASN A 36 5.92 12.12 11.89
N ARG A 37 6.19 12.99 10.90
CA ARG A 37 5.72 14.38 10.90
C ARG A 37 4.34 14.55 10.25
N SER A 38 3.64 13.44 9.96
CA SER A 38 2.32 13.47 9.37
C SER A 38 1.30 14.07 10.34
N THR A 39 0.32 14.80 9.80
CA THR A 39 -0.80 15.28 10.61
C THR A 39 -1.73 14.10 10.98
N SER A 40 -1.61 12.95 10.29
CA SER A 40 -2.35 11.75 10.60
C SER A 40 -1.34 10.62 10.79
N PRO A 41 -0.51 10.70 11.86
CA PRO A 41 0.51 9.67 12.06
C PRO A 41 -0.04 8.28 12.36
N TRP A 42 0.77 7.27 12.13
CA TRP A 42 0.36 5.90 12.36
C TRP A 42 1.45 5.05 12.96
N ASN A 43 1.07 3.94 13.59
CA ASN A 43 1.98 2.93 14.09
C ASN A 43 1.76 1.65 13.26
N LEU A 44 2.70 0.71 13.35
CA LEU A 44 2.60 -0.53 12.61
C LEU A 44 2.21 -1.67 13.52
N HIS A 45 1.28 -2.50 13.05
CA HIS A 45 0.75 -3.65 13.76
C HIS A 45 1.11 -4.92 12.99
N ARG A 46 1.78 -5.86 13.65
CA ARG A 46 2.23 -7.11 13.06
C ARG A 46 1.08 -8.14 12.96
N ASN A 47 0.81 -8.64 11.76
CA ASN A 47 -0.23 -9.63 11.46
C ASN A 47 0.43 -10.92 10.92
N GLU A 48 0.32 -12.01 11.66
CA GLU A 48 0.95 -13.27 11.29
C GLU A 48 -0.07 -14.37 10.89
N ASP A 49 0.25 -15.10 9.81
CA ASP A 49 -0.61 -16.18 9.34
C ASP A 49 0.30 -17.22 8.71
N PRO A 50 0.47 -18.37 9.36
CA PRO A 50 1.34 -19.41 8.80
C PRO A 50 0.83 -20.09 7.52
N GLU A 51 -0.44 -19.89 7.17
CA GLU A 51 -1.04 -20.44 5.94
C GLU A 51 -0.95 -19.47 4.76
N ARG A 52 -0.19 -18.37 4.91
CA ARG A 52 -0.08 -17.33 3.91
C ARG A 52 1.38 -16.96 3.59
N TYR A 53 1.64 -16.48 2.38
CA TYR A 53 2.91 -15.92 1.99
C TYR A 53 2.64 -14.52 1.38
N PRO A 54 3.21 -13.42 1.95
CA PRO A 54 4.08 -13.37 3.14
C PRO A 54 3.32 -13.72 4.41
N SER A 55 3.97 -14.44 5.33
CA SER A 55 3.31 -14.78 6.60
C SER A 55 3.18 -13.55 7.51
N VAL A 56 4.14 -12.62 7.43
CA VAL A 56 4.09 -11.41 8.25
C VAL A 56 3.71 -10.19 7.42
N ILE A 57 2.61 -9.52 7.81
CA ILE A 57 2.16 -8.31 7.15
C ILE A 57 1.97 -7.20 8.20
N TRP A 58 2.61 -6.06 7.98
CA TRP A 58 2.50 -4.91 8.88
C TRP A 58 1.35 -4.00 8.42
N GLU A 59 0.38 -3.83 9.30
CA GLU A 59 -0.82 -3.05 9.08
C GLU A 59 -0.69 -1.67 9.78
N ALA A 60 -1.04 -0.56 9.10
CA ALA A 60 -0.97 0.76 9.73
C ALA A 60 -2.20 1.04 10.61
N LYS A 61 -1.99 1.56 11.80
CA LYS A 61 -3.08 1.94 12.69
C LYS A 61 -2.85 3.41 13.04
N CYS A 62 -3.82 4.27 12.71
CA CYS A 62 -3.76 5.71 12.99
C CYS A 62 -3.57 5.93 14.48
N ARG A 63 -2.61 6.78 14.87
CA ARG A 63 -2.37 7.06 16.28
C ARG A 63 -3.51 7.80 16.93
N HIS A 64 -4.20 8.67 16.19
CA HIS A 64 -5.27 9.51 16.76
C HIS A 64 -6.54 9.46 15.90
N LEU A 65 -7.69 9.80 16.49
CA LEU A 65 -8.99 9.95 15.83
C LEU A 65 -8.97 11.27 15.02
N GLY A 66 -8.38 12.34 15.59
CA GLY A 66 -8.27 13.62 14.89
C GLY A 66 -6.95 13.78 14.16
N CYS A 67 -6.68 14.98 13.65
CA CYS A 67 -5.42 15.28 12.98
C CYS A 67 -4.60 16.26 13.82
N ILE A 68 -3.28 16.17 13.75
CA ILE A 68 -2.41 17.08 14.50
C ILE A 68 -2.26 18.39 13.78
N ASN A 69 -2.58 19.50 14.45
CA ASN A 69 -2.47 20.82 13.84
C ASN A 69 -1.04 21.41 13.95
N ALA A 70 -0.87 22.67 13.49
CA ALA A 70 0.40 23.40 13.48
C ALA A 70 1.01 23.56 14.89
N ASP A 71 0.15 23.62 15.92
CA ASP A 71 0.60 23.75 17.31
C ASP A 71 1.03 22.42 17.96
N GLY A 72 0.85 21.30 17.26
CA GLY A 72 1.16 19.98 17.81
C GLY A 72 0.01 19.39 18.62
N ASN A 73 -1.17 19.99 18.54
CA ASN A 73 -2.34 19.52 19.25
C ASN A 73 -3.28 18.74 18.33
N VAL A 74 -3.99 17.75 18.88
CA VAL A 74 -4.92 16.97 18.09
C VAL A 74 -6.19 17.79 17.93
N ASP A 75 -6.62 18.02 16.70
CA ASP A 75 -7.84 18.72 16.33
C ASP A 75 -8.87 17.66 15.83
N TYR A 76 -9.99 17.49 16.56
CA TYR A 76 -11.03 16.54 16.22
C TYR A 76 -12.05 17.03 15.18
N HIS A 77 -11.86 18.22 14.62
CA HIS A 77 -12.71 18.67 13.52
C HIS A 77 -12.33 18.00 12.18
N MET A 78 -11.15 17.34 12.13
CA MET A 78 -10.65 16.54 11.02
C MET A 78 -10.44 15.12 11.54
N ASN A 79 -10.36 14.13 10.65
CA ASN A 79 -10.12 12.75 11.08
C ASN A 79 -8.92 12.11 10.40
N SER A 80 -8.15 11.33 11.16
CA SER A 80 -7.12 10.48 10.59
C SER A 80 -7.87 9.25 10.15
N VAL A 81 -7.63 8.81 8.92
CA VAL A 81 -8.29 7.60 8.42
C VAL A 81 -7.26 6.71 7.79
N PRO A 82 -7.39 5.39 8.00
CA PRO A 82 -6.44 4.48 7.34
C PRO A 82 -6.68 4.44 5.83
N ILE A 83 -5.63 4.41 5.03
CA ILE A 83 -5.73 4.25 3.59
C ILE A 83 -5.72 2.73 3.35
N GLN A 84 -6.83 2.18 2.88
CA GLN A 84 -6.94 0.73 2.63
C GLN A 84 -6.66 0.44 1.18
N GLN A 85 -5.84 -0.57 0.92
CA GLN A 85 -5.49 -1.00 -0.42
C GLN A 85 -5.61 -2.49 -0.55
N GLU A 86 -6.03 -2.92 -1.71
CA GLU A 86 -6.11 -4.34 -2.01
C GLU A 86 -4.71 -4.83 -2.40
N ILE A 87 -4.19 -5.84 -1.71
CA ILE A 87 -2.89 -6.44 -2.06
C ILE A 87 -3.07 -7.94 -2.35
N LEU A 88 -2.09 -8.56 -3.02
CA LEU A 88 -2.15 -9.98 -3.32
C LEU A 88 -1.27 -10.75 -2.36
N VAL A 89 -1.72 -11.92 -1.92
CA VAL A 89 -0.97 -12.82 -1.05
C VAL A 89 -1.12 -14.27 -1.61
N LEU A 90 -0.30 -15.20 -1.13
CA LEU A 90 -0.37 -16.59 -1.55
C LEU A 90 -1.00 -17.36 -0.40
N ARG A 91 -2.02 -18.15 -0.69
CA ARG A 91 -2.68 -18.96 0.33
C ARG A 91 -2.29 -20.40 0.06
N ARG A 92 -1.76 -21.13 1.06
CA ARG A 92 -1.38 -22.54 0.86
C ARG A 92 -2.56 -23.37 0.37
N GLU A 93 -2.40 -24.06 -0.76
CA GLU A 93 -3.46 -24.89 -1.32
C GLU A 93 -2.89 -26.19 -1.89
N PRO A 94 -3.28 -27.36 -1.35
CA PRO A 94 -4.20 -27.58 -0.21
C PRO A 94 -3.68 -27.00 1.10
N PRO A 95 -4.53 -26.82 2.13
CA PRO A 95 -4.03 -26.24 3.39
C PRO A 95 -2.81 -26.98 3.95
N HIS A 96 -1.84 -26.21 4.47
CA HIS A 96 -0.57 -26.69 5.02
C HIS A 96 0.48 -27.02 3.94
N SER A 97 0.14 -26.91 2.65
CA SER A 97 1.09 -27.22 1.59
C SER A 97 2.32 -26.32 1.61
N PRO A 98 3.52 -26.90 1.64
CA PRO A 98 4.73 -26.07 1.62
C PRO A 98 5.14 -25.56 0.24
N ASN A 99 4.57 -26.12 -0.84
CA ASN A 99 5.02 -25.75 -2.19
C ASN A 99 3.95 -25.40 -3.21
N SER A 100 2.69 -25.29 -2.79
CA SER A 100 1.62 -24.95 -3.73
C SER A 100 0.64 -23.98 -3.10
N PHE A 101 0.28 -22.96 -3.86
CA PHE A 101 -0.53 -21.86 -3.38
C PHE A 101 -1.58 -21.40 -4.39
N ARG A 102 -2.55 -20.61 -3.91
CA ARG A 102 -3.51 -19.93 -4.76
C ARG A 102 -3.39 -18.42 -4.48
N LEU A 103 -3.41 -17.60 -5.54
CA LEU A 103 -3.33 -16.15 -5.41
C LEU A 103 -4.62 -15.66 -4.72
N GLU A 104 -4.48 -14.72 -3.81
CA GLU A 104 -5.61 -14.24 -3.02
C GLU A 104 -5.52 -12.73 -2.76
N LYS A 105 -6.65 -12.05 -2.78
CA LYS A 105 -6.70 -10.60 -2.52
C LYS A 105 -7.09 -10.36 -1.07
N ILE A 106 -6.39 -9.43 -0.41
CA ILE A 106 -6.74 -9.01 0.93
C ILE A 106 -6.68 -7.47 1.00
N LEU A 107 -7.36 -6.88 1.97
CA LEU A 107 -7.37 -5.43 2.13
C LEU A 107 -6.41 -5.08 3.27
N VAL A 108 -5.41 -4.24 3.02
CA VAL A 108 -4.43 -3.87 4.05
C VAL A 108 -4.43 -2.33 4.22
N SER A 109 -4.19 -1.87 5.45
CA SER A 109 -4.04 -0.47 5.79
C SER A 109 -2.56 -0.13 5.60
N VAL A 110 -2.29 0.76 4.63
CA VAL A 110 -0.94 1.11 4.18
C VAL A 110 -0.37 2.40 4.72
N GLY A 111 -1.18 3.15 5.44
CA GLY A 111 -0.82 4.43 6.04
C GLY A 111 -2.07 5.16 6.43
N CYS A 112 -1.91 6.40 6.92
CA CYS A 112 -3.07 7.21 7.26
C CYS A 112 -3.05 8.53 6.55
N THR A 113 -4.24 9.08 6.27
CA THR A 113 -4.41 10.39 5.67
C THR A 113 -5.39 11.20 6.56
N CYS A 114 -5.44 12.53 6.38
CA CYS A 114 -6.34 13.39 7.15
C CYS A 114 -7.48 13.83 6.25
N VAL A 115 -8.72 13.59 6.66
CA VAL A 115 -9.88 13.95 5.85
C VAL A 115 -10.79 14.93 6.54
N THR A 116 -11.44 15.78 5.75
CA THR A 116 -12.43 16.69 6.27
C THR A 116 -13.72 15.89 6.25
N PRO A 117 -14.38 15.71 7.41
CA PRO A 117 -15.62 14.91 7.45
C PRO A 117 -16.77 15.39 6.57
N ILE A 118 -17.71 14.50 6.31
CA ILE A 118 -18.90 14.82 5.52
C ILE A 118 -19.78 15.67 6.44
N VAL A 119 -20.03 16.95 6.08
CA VAL A 119 -20.81 17.86 6.91
C VAL A 119 -22.27 17.98 6.44
N PRO B 10 17.24 -21.90 -5.34
CA PRO B 10 15.91 -22.02 -5.97
C PRO B 10 14.86 -22.71 -5.09
N ARG B 11 13.88 -21.94 -4.60
CA ARG B 11 12.77 -22.49 -3.82
C ARG B 11 11.54 -22.33 -4.71
N THR B 12 11.39 -23.29 -5.65
CA THR B 12 10.31 -23.25 -6.63
C THR B 12 8.99 -23.78 -6.09
N VAL B 13 7.94 -22.96 -6.22
CA VAL B 13 6.60 -23.31 -5.78
C VAL B 13 5.63 -23.17 -6.96
N MET B 14 4.43 -23.77 -6.83
CA MET B 14 3.40 -23.65 -7.83
C MET B 14 2.40 -22.64 -7.32
N VAL B 15 1.95 -21.74 -8.19
CA VAL B 15 0.92 -20.77 -7.81
C VAL B 15 -0.21 -20.81 -8.82
N ASN B 16 -1.46 -20.96 -8.34
CA ASN B 16 -2.63 -20.86 -9.21
C ASN B 16 -3.02 -19.36 -9.20
N LEU B 17 -2.83 -18.67 -10.33
CA LEU B 17 -3.15 -17.26 -10.50
C LEU B 17 -4.65 -16.94 -10.50
N ASN B 18 -5.51 -17.97 -10.48
CA ASN B 18 -6.95 -17.77 -10.46
C ASN B 18 -7.46 -17.42 -9.05
N ILE B 19 -7.80 -16.15 -8.83
CA ILE B 19 -8.31 -15.70 -7.54
C ILE B 19 -9.77 -16.15 -7.37
N HIS B 20 -10.10 -16.73 -6.21
CA HIS B 20 -11.47 -17.16 -5.95
C HIS B 20 -12.29 -15.97 -5.46
N SER B 31 -13.26 4.26 0.87
CA SER B 31 -13.74 4.56 -0.49
C SER B 31 -12.78 5.54 -1.19
N SER B 32 -12.60 5.41 -2.51
CA SER B 32 -11.77 6.33 -3.32
C SER B 32 -12.36 7.76 -3.34
N ASP B 33 -13.68 7.91 -3.08
CA ASP B 33 -14.42 9.17 -2.96
C ASP B 33 -14.31 9.73 -1.52
N TYR B 34 -14.07 8.85 -0.54
CA TYR B 34 -13.84 9.23 0.85
C TYR B 34 -12.42 9.84 0.93
N TYR B 35 -11.42 9.25 0.23
CA TYR B 35 -10.07 9.82 0.22
C TYR B 35 -9.95 11.07 -0.65
N ASN B 36 -10.99 11.42 -1.45
CA ASN B 36 -11.04 12.67 -2.19
C ASN B 36 -11.14 13.87 -1.20
N ARG B 37 -11.58 13.63 0.06
CA ARG B 37 -11.68 14.63 1.12
C ARG B 37 -10.35 14.84 1.89
N SER B 38 -9.26 14.21 1.44
CA SER B 38 -7.97 14.31 2.09
C SER B 38 -7.38 15.70 1.98
N THR B 39 -6.63 16.13 3.02
CA THR B 39 -5.89 17.39 2.92
C THR B 39 -4.68 17.23 2.00
N SER B 40 -4.28 15.98 1.70
CA SER B 40 -3.21 15.67 0.76
C SER B 40 -3.78 14.73 -0.29
N PRO B 41 -4.71 15.23 -1.15
CA PRO B 41 -5.33 14.35 -2.14
C PRO B 41 -4.37 13.84 -3.20
N TRP B 42 -4.78 12.75 -3.85
CA TRP B 42 -3.95 12.13 -4.87
C TRP B 42 -4.78 11.63 -6.03
N ASN B 43 -4.13 11.43 -7.17
CA ASN B 43 -4.73 10.81 -8.32
C ASN B 43 -4.04 9.46 -8.53
N LEU B 44 -4.67 8.57 -9.29
CA LEU B 44 -4.08 7.27 -9.57
C LEU B 44 -3.49 7.23 -10.95
N HIS B 45 -2.27 6.74 -11.04
CA HIS B 45 -1.52 6.61 -12.27
C HIS B 45 -1.37 5.11 -12.59
N ARG B 46 -1.81 4.70 -13.77
CA ARG B 46 -1.72 3.31 -14.22
C ARG B 46 -0.29 3.04 -14.73
N ASN B 47 0.40 2.08 -14.11
CA ASN B 47 1.76 1.68 -14.43
C ASN B 47 1.75 0.26 -15.04
N GLU B 48 2.15 0.15 -16.32
CA GLU B 48 2.15 -1.11 -17.02
C GLU B 48 3.55 -1.66 -17.33
N ASP B 49 3.73 -2.96 -17.17
CA ASP B 49 4.99 -3.64 -17.48
C ASP B 49 4.63 -5.06 -17.92
N PRO B 50 4.82 -5.37 -19.21
CA PRO B 50 4.47 -6.72 -19.70
C PRO B 50 5.36 -7.85 -19.20
N GLU B 51 6.52 -7.53 -18.63
CA GLU B 51 7.44 -8.54 -18.07
C GLU B 51 7.21 -8.79 -16.57
N ARG B 52 6.11 -8.25 -16.02
CA ARG B 52 5.81 -8.33 -14.61
C ARG B 52 4.39 -8.85 -14.37
N TYR B 53 4.18 -9.51 -13.22
CA TYR B 53 2.87 -9.88 -12.74
C TYR B 53 2.75 -9.34 -11.30
N PRO B 54 1.78 -8.48 -10.96
CA PRO B 54 0.75 -7.90 -11.85
C PRO B 54 1.36 -6.96 -12.87
N SER B 55 0.87 -7.02 -14.12
CA SER B 55 1.36 -6.12 -15.16
C SER B 55 0.85 -4.70 -14.90
N VAL B 56 -0.36 -4.55 -14.31
CA VAL B 56 -0.92 -3.25 -14.02
C VAL B 56 -0.87 -2.92 -12.53
N ILE B 57 -0.20 -1.82 -12.18
CA ILE B 57 -0.15 -1.36 -10.81
C ILE B 57 -0.58 0.11 -10.76
N TRP B 58 -1.55 0.46 -9.92
CA TRP B 58 -2.01 1.85 -9.78
C TRP B 58 -1.19 2.55 -8.72
N GLU B 59 -0.47 3.57 -9.11
CA GLU B 59 0.46 4.36 -8.30
C GLU B 59 -0.19 5.70 -7.92
N ALA B 60 -0.10 6.11 -6.66
CA ALA B 60 -0.68 7.39 -6.24
C ALA B 60 0.25 8.56 -6.52
N LYS B 61 -0.28 9.65 -7.08
CA LYS B 61 0.50 10.85 -7.31
C LYS B 61 -0.21 11.97 -6.55
N CYS B 62 0.48 12.63 -5.61
CA CYS B 62 -0.07 13.76 -4.86
C CYS B 62 -0.55 14.85 -5.81
N ARG B 63 -1.79 15.36 -5.66
CA ARG B 63 -2.29 16.41 -6.55
C ARG B 63 -1.56 17.72 -6.34
N HIS B 64 -1.12 18.00 -5.10
CA HIS B 64 -0.50 19.31 -4.80
C HIS B 64 0.82 19.16 -4.05
N LEU B 65 1.63 20.23 -4.05
CA LEU B 65 2.86 20.31 -3.26
C LEU B 65 2.48 20.61 -1.79
N GLY B 66 1.50 21.48 -1.60
CA GLY B 66 1.01 21.83 -0.26
C GLY B 66 -0.16 20.97 0.18
N CYS B 67 -0.77 21.31 1.30
CA CYS B 67 -1.94 20.59 1.80
C CYS B 67 -3.13 21.52 1.74
N ILE B 68 -4.33 20.98 1.62
CA ILE B 68 -5.55 21.78 1.63
C ILE B 68 -5.89 22.16 3.06
N ASN B 69 -6.02 23.47 3.32
CA ASN B 69 -6.32 23.99 4.65
C ASN B 69 -7.84 24.02 4.91
N ALA B 70 -8.23 24.55 6.09
CA ALA B 70 -9.61 24.66 6.56
C ALA B 70 -10.50 25.49 5.61
N ASP B 71 -9.90 26.44 4.87
CA ASP B 71 -10.63 27.26 3.90
C ASP B 71 -10.83 26.57 2.53
N GLY B 72 -10.27 25.38 2.33
CA GLY B 72 -10.36 24.68 1.05
C GLY B 72 -9.29 25.10 0.06
N ASN B 73 -8.27 25.86 0.52
CA ASN B 73 -7.20 26.35 -0.33
C ASN B 73 -5.91 25.56 -0.12
N VAL B 74 -5.04 25.51 -1.13
CA VAL B 74 -3.74 24.84 -0.99
C VAL B 74 -2.84 25.77 -0.20
N ASP B 75 -2.32 25.27 0.90
CA ASP B 75 -1.48 25.96 1.85
C ASP B 75 -0.09 25.31 1.79
N TYR B 76 0.90 26.09 1.37
CA TYR B 76 2.27 25.62 1.25
C TYR B 76 3.06 25.62 2.57
N HIS B 77 2.42 25.92 3.71
CA HIS B 77 3.08 25.80 5.02
C HIS B 77 3.22 24.33 5.44
N MET B 78 2.45 23.41 4.81
CA MET B 78 2.49 21.96 4.99
C MET B 78 2.78 21.32 3.62
N ASN B 79 3.23 20.04 3.58
CA ASN B 79 3.50 19.37 2.29
C ASN B 79 2.77 18.03 2.12
N SER B 80 2.27 17.76 0.92
CA SER B 80 1.69 16.46 0.60
C SER B 80 2.88 15.60 0.21
N VAL B 81 3.00 14.41 0.80
CA VAL B 81 4.10 13.50 0.45
C VAL B 81 3.53 12.14 0.13
N PRO B 82 4.07 11.47 -0.89
CA PRO B 82 3.56 10.13 -1.21
C PRO B 82 3.99 9.12 -0.15
N ILE B 83 3.14 8.15 0.15
CA ILE B 83 3.48 7.07 1.08
C ILE B 83 4.05 5.96 0.21
N GLN B 84 5.35 5.69 0.32
CA GLN B 84 6.02 4.67 -0.47
C GLN B 84 6.11 3.38 0.31
N GLN B 85 5.76 2.27 -0.35
CA GLN B 85 5.80 0.94 0.24
C GLN B 85 6.54 -0.01 -0.64
N GLU B 86 7.28 -0.91 -0.02
CA GLU B 86 7.95 -1.97 -0.74
C GLU B 86 6.95 -3.07 -1.00
N ILE B 87 6.78 -3.49 -2.24
CA ILE B 87 5.91 -4.61 -2.58
C ILE B 87 6.71 -5.67 -3.37
N LEU B 88 6.16 -6.88 -3.49
CA LEU B 88 6.75 -7.95 -4.26
C LEU B 88 5.99 -8.07 -5.56
N VAL B 89 6.71 -8.31 -6.64
CA VAL B 89 6.10 -8.55 -7.95
C VAL B 89 6.75 -9.84 -8.54
N LEU B 90 6.14 -10.42 -9.56
CA LEU B 90 6.69 -11.58 -10.23
C LEU B 90 7.35 -11.07 -11.51
N ARG B 91 8.61 -11.41 -11.71
CA ARG B 91 9.35 -10.99 -12.89
C ARG B 91 9.47 -12.23 -13.76
N ARG B 92 9.06 -12.16 -15.03
CA ARG B 92 9.15 -13.35 -15.91
C ARG B 92 10.60 -13.85 -15.99
N GLU B 93 10.82 -15.13 -15.69
CA GLU B 93 12.15 -15.73 -15.72
C GLU B 93 12.08 -17.14 -16.31
N PRO B 94 12.76 -17.40 -17.46
CA PRO B 94 13.55 -16.46 -18.28
C PRO B 94 12.69 -15.33 -18.86
N PRO B 95 13.31 -14.22 -19.34
CA PRO B 95 12.48 -13.12 -19.88
C PRO B 95 11.49 -13.58 -20.94
N HIS B 96 10.27 -13.02 -20.91
CA HIS B 96 9.17 -13.34 -21.81
C HIS B 96 8.43 -14.64 -21.47
N SER B 97 8.88 -15.38 -20.44
CA SER B 97 8.22 -16.62 -20.05
C SER B 97 6.79 -16.40 -19.58
N PRO B 98 5.83 -17.13 -20.16
CA PRO B 98 4.43 -16.97 -19.73
C PRO B 98 4.06 -17.72 -18.45
N ASN B 99 4.90 -18.66 -17.98
CA ASN B 99 4.53 -19.49 -16.83
C ASN B 99 5.57 -19.66 -15.72
N SER B 100 6.66 -18.90 -15.77
CA SER B 100 7.70 -19.03 -14.74
C SER B 100 8.26 -17.68 -14.38
N PHE B 101 8.40 -17.44 -13.07
CA PHE B 101 8.75 -16.14 -12.55
C PHE B 101 9.73 -16.21 -11.38
N ARG B 102 10.32 -15.05 -11.03
CA ARG B 102 11.15 -14.88 -9.87
C ARG B 102 10.56 -13.72 -9.06
N LEU B 103 10.51 -13.86 -7.75
CA LEU B 103 9.99 -12.84 -6.87
C LEU B 103 10.96 -11.65 -6.83
N GLU B 104 10.43 -10.44 -6.90
CA GLU B 104 11.25 -9.24 -6.97
C GLU B 104 10.64 -8.08 -6.14
N LYS B 105 11.47 -7.27 -5.45
CA LYS B 105 10.99 -6.15 -4.64
C LYS B 105 11.02 -4.83 -5.40
N ILE B 106 9.94 -4.04 -5.34
CA ILE B 106 9.89 -2.71 -5.94
C ILE B 106 9.22 -1.72 -4.95
N LEU B 107 9.40 -0.42 -5.15
CA LEU B 107 8.81 0.60 -4.29
C LEU B 107 7.62 1.24 -5.02
N VAL B 108 6.44 1.27 -4.40
CA VAL B 108 5.26 1.87 -5.01
C VAL B 108 4.61 2.93 -4.09
N SER B 109 3.97 3.96 -4.67
CA SER B 109 3.25 4.98 -3.94
C SER B 109 1.80 4.53 -3.75
N VAL B 110 1.37 4.36 -2.50
CA VAL B 110 0.07 3.81 -2.15
C VAL B 110 -0.97 4.83 -1.64
N GLY B 111 -0.60 6.10 -1.60
CA GLY B 111 -1.45 7.20 -1.16
C GLY B 111 -0.60 8.40 -0.78
N CYS B 112 -1.22 9.48 -0.27
CA CYS B 112 -0.49 10.65 0.16
C CYS B 112 -0.86 11.03 1.58
N THR B 113 0.08 11.61 2.31
CA THR B 113 -0.14 12.11 3.66
C THR B 113 0.36 13.59 3.73
N CYS B 114 -0.08 14.33 4.75
CA CYS B 114 0.34 15.72 4.92
C CYS B 114 1.38 15.79 6.04
N VAL B 115 2.54 16.37 5.77
CA VAL B 115 3.59 16.47 6.79
C VAL B 115 3.94 17.90 7.11
N THR B 116 4.34 18.13 8.36
CA THR B 116 4.81 19.43 8.79
C THR B 116 6.30 19.43 8.47
N PRO B 117 6.77 20.39 7.66
CA PRO B 117 8.22 20.41 7.30
C PRO B 117 9.22 20.54 8.46
N ILE B 118 10.52 20.29 8.19
CA ILE B 118 11.56 20.45 9.20
C ILE B 118 11.70 21.91 9.65
#